data_3E3R
#
_entry.id   3E3R
#
_cell.length_a   70.593
_cell.length_b   130.411
_cell.length_c   46.199
_cell.angle_alpha   90.00
_cell.angle_beta   90.00
_cell.angle_gamma   90.00
#
_symmetry.space_group_name_H-M   'P 21 21 2'
#
loop_
_entity.id
_entity.type
_entity.pdbx_description
1 polymer Calcyphosin
2 non-polymer 'CALCIUM ION'
3 water water
#
_entity_poly.entity_id   1
_entity_poly.type   'polypeptide(L)'
_entity_poly.pdbx_seq_one_letter_code
;SSGLVPRGPLGSHMDAVDATMEKLRAQCLSRGASGIQGLARFFRQLDRDGSRSLDADEFRQGLAKLGLVLDQAEAEGVCR
KWDRNGSGTLDLEEFLRALRPPMSQAREAVIAAAFAKLDRSGDGVVTVDDLRGVYSGRAHPKVRSGEWTEDEVLRRFLDN
FDSSEKDGQVTLAEFQDYYSGVSASMNTDEEFVAMMTSAWQLKL
;
_entity_poly.pdbx_strand_id   A,B
#
loop_
_chem_comp.id
_chem_comp.type
_chem_comp.name
_chem_comp.formula
CA non-polymer 'CALCIUM ION' 'Ca 2'
#
# COMPACT_ATOMS: atom_id res chain seq x y z
N SER A 1 -0.91 19.19 35.44
CA SER A 1 -2.11 18.29 35.39
C SER A 1 -1.78 16.90 34.77
N SER A 2 -2.56 15.89 35.19
CA SER A 2 -2.39 14.51 34.75
C SER A 2 -2.18 14.39 33.25
N GLY A 3 -1.23 13.53 32.86
CA GLY A 3 -0.97 13.19 31.45
C GLY A 3 0.09 14.05 30.80
N LEU A 4 0.36 15.18 31.44
CA LEU A 4 1.36 16.11 30.96
C LEU A 4 2.78 15.78 31.44
N VAL A 5 3.73 16.13 30.57
CA VAL A 5 5.13 15.86 30.76
C VAL A 5 5.87 17.18 30.48
N PRO A 6 6.87 17.52 31.32
CA PRO A 6 7.49 18.83 31.13
C PRO A 6 8.59 18.73 30.09
N ARG A 7 8.77 19.74 29.26
CA ARG A 7 9.90 19.65 28.33
C ARG A 7 11.09 20.53 28.67
N MET A 14 14.11 25.75 25.16
CA MET A 14 13.43 24.51 24.67
C MET A 14 12.26 24.85 23.73
N ASP A 15 11.57 25.96 24.05
CA ASP A 15 10.66 26.67 23.15
C ASP A 15 11.52 27.41 22.11
N ALA A 16 12.60 28.03 22.59
CA ALA A 16 13.58 28.73 21.74
C ALA A 16 14.36 27.79 20.82
N VAL A 17 14.39 26.50 21.17
CA VAL A 17 14.97 25.46 20.32
C VAL A 17 14.03 25.11 19.17
N ASP A 18 12.73 25.05 19.48
CA ASP A 18 11.66 24.85 18.48
C ASP A 18 11.70 25.90 17.38
N ALA A 19 11.94 27.16 17.78
CA ALA A 19 12.06 28.30 16.84
C ALA A 19 13.25 28.12 15.90
N THR A 20 14.44 27.97 16.47
CA THR A 20 15.64 27.66 15.69
C THR A 20 15.48 26.42 14.82
N MET A 21 14.82 25.36 15.32
CA MET A 21 14.65 24.13 14.56
C MET A 21 13.72 24.30 13.35
N GLU A 22 12.66 25.11 13.51
CA GLU A 22 11.75 25.46 12.40
C GLU A 22 12.52 26.15 11.28
N LYS A 23 13.09 27.32 11.61
CA LYS A 23 13.84 28.16 10.66
C LYS A 23 14.79 27.34 9.80
N LEU A 24 15.57 26.47 10.45
CA LEU A 24 16.47 25.53 9.78
C LEU A 24 15.81 24.77 8.63
N ARG A 25 14.61 24.25 8.87
CA ARG A 25 13.95 23.39 7.89
C ARG A 25 13.83 24.05 6.53
N ALA A 26 13.61 25.37 6.53
CA ALA A 26 13.54 26.15 5.31
C ALA A 26 14.84 26.91 5.07
N ALA A 40 20.94 15.62 1.84
CA ALA A 40 22.23 14.94 1.85
C ALA A 40 23.37 15.93 1.58
N ARG A 41 23.21 16.71 0.50
CA ARG A 41 24.13 17.79 0.13
C ARG A 41 24.43 18.65 1.35
N PHE A 42 23.35 18.99 2.07
CA PHE A 42 23.42 19.82 3.26
C PHE A 42 24.13 19.12 4.43
N PHE A 43 23.73 17.87 4.71
CA PHE A 43 24.35 17.02 5.73
C PHE A 43 25.86 17.00 5.55
N ARG A 44 26.29 16.72 4.32
CA ARG A 44 27.70 16.56 4.00
C ARG A 44 28.48 17.86 4.16
N GLN A 45 27.83 18.99 3.88
CA GLN A 45 28.39 20.30 4.21
C GLN A 45 28.71 20.41 5.70
N LEU A 46 27.72 20.03 6.52
CA LEU A 46 27.79 20.14 7.97
C LEU A 46 28.82 19.20 8.58
N ASP A 47 28.98 18.03 7.97
CA ASP A 47 29.94 17.01 8.42
C ASP A 47 31.36 17.44 8.11
N ARG A 48 31.89 18.30 8.98
CA ARG A 48 33.20 18.95 8.81
C ARG A 48 34.33 17.94 8.80
N ASP A 49 34.24 16.94 9.66
CA ASP A 49 35.33 15.96 9.81
C ASP A 49 35.07 14.67 9.02
N GLY A 50 34.11 14.72 8.11
CA GLY A 50 33.80 13.60 7.20
C GLY A 50 33.57 12.26 7.88
N SER A 51 32.97 12.29 9.08
CA SER A 51 32.72 11.09 9.88
C SER A 51 31.46 10.34 9.46
N ARG A 52 30.71 10.94 8.54
CA ARG A 52 29.42 10.43 8.06
C ARG A 52 28.36 10.37 9.18
N SER A 53 28.53 11.27 10.14
CA SER A 53 27.61 11.51 11.25
C SER A 53 28.00 12.83 11.91
N LEU A 54 27.01 13.49 12.51
CA LEU A 54 27.20 14.83 13.08
C LEU A 54 27.37 14.85 14.59
N ASP A 55 28.46 15.49 15.06
CA ASP A 55 28.66 15.79 16.48
C ASP A 55 27.66 16.86 16.86
N ALA A 56 27.31 16.92 18.14
CA ALA A 56 26.54 18.05 18.67
C ALA A 56 27.25 19.37 18.36
N ASP A 57 28.57 19.32 18.54
CA ASP A 57 29.47 20.43 18.29
C ASP A 57 29.49 20.92 16.82
N GLU A 58 29.44 19.98 15.87
CA GLU A 58 29.45 20.33 14.43
C GLU A 58 28.13 20.93 13.99
N PHE A 59 27.05 20.22 14.31
CA PHE A 59 25.70 20.73 14.15
C PHE A 59 25.58 22.17 14.66
N ARG A 60 26.06 22.38 15.88
CA ARG A 60 26.11 23.71 16.49
C ARG A 60 26.79 24.77 15.58
N GLN A 61 28.01 24.44 15.13
CA GLN A 61 28.82 25.34 14.28
C GLN A 61 28.23 25.53 12.90
N GLY A 62 27.67 24.46 12.34
CA GLY A 62 27.01 24.55 11.05
C GLY A 62 25.88 25.56 11.07
N LEU A 63 25.08 25.51 12.13
CA LEU A 63 23.89 26.36 12.24
C LEU A 63 24.25 27.84 12.43
N ALA A 64 25.32 28.09 13.16
CA ALA A 64 25.84 29.44 13.34
C ALA A 64 26.30 30.02 12.00
N LYS A 65 27.11 29.23 11.28
CA LYS A 65 27.58 29.55 9.92
C LYS A 65 26.41 29.86 8.96
N LEU A 66 25.19 29.53 9.38
CA LEU A 66 23.98 29.76 8.59
C LEU A 66 23.10 30.84 9.26
N GLY A 67 23.57 31.35 10.40
CA GLY A 67 22.87 32.42 11.13
C GLY A 67 21.79 31.97 12.10
N LEU A 68 21.80 30.70 12.47
CA LEU A 68 20.80 30.13 13.38
C LEU A 68 21.54 29.80 14.67
N VAL A 69 21.21 30.51 15.74
CA VAL A 69 21.99 30.43 16.96
C VAL A 69 21.46 29.39 17.95
N LEU A 70 22.32 28.45 18.34
CA LEU A 70 22.06 27.48 19.41
C LEU A 70 23.27 27.40 20.35
N ASP A 71 23.04 27.50 21.66
CA ASP A 71 24.14 27.34 22.62
C ASP A 71 24.63 25.89 22.61
N GLN A 72 25.52 25.55 23.53
CA GLN A 72 26.16 24.23 23.55
C GLN A 72 25.21 23.09 23.95
N ALA A 73 24.50 23.28 25.07
CA ALA A 73 23.60 22.25 25.59
C ALA A 73 22.35 22.07 24.72
N GLU A 74 21.87 23.18 24.15
CA GLU A 74 20.74 23.17 23.21
C GLU A 74 21.05 22.33 21.99
N ALA A 75 22.29 22.40 21.52
CA ALA A 75 22.72 21.63 20.37
C ALA A 75 22.89 20.19 20.78
N GLU A 76 23.37 19.99 22.00
CA GLU A 76 23.50 18.66 22.56
C GLU A 76 22.15 18.02 22.76
N GLY A 77 21.18 18.82 23.20
CA GLY A 77 19.81 18.38 23.42
C GLY A 77 19.18 17.86 22.14
N VAL A 78 19.39 18.58 21.04
CA VAL A 78 18.85 18.17 19.74
C VAL A 78 19.43 16.84 19.25
N CYS A 79 20.74 16.62 19.43
CA CYS A 79 21.38 15.35 19.04
C CYS A 79 20.82 14.23 19.89
N ARG A 80 20.75 14.45 21.19
CA ARG A 80 20.24 13.47 22.12
C ARG A 80 18.83 13.02 21.69
N LYS A 81 18.03 13.92 21.11
CA LYS A 81 16.64 13.53 20.87
C LYS A 81 16.39 12.94 19.49
N TRP A 82 17.30 13.20 18.55
CA TRP A 82 17.18 12.63 17.21
C TRP A 82 18.08 11.42 16.99
N ASP A 83 19.07 11.24 17.86
CA ASP A 83 20.01 10.14 17.73
C ASP A 83 19.35 8.85 18.20
N ARG A 84 18.60 8.24 17.29
CA ARG A 84 17.79 7.08 17.59
C ARG A 84 18.63 5.91 18.11
N ASN A 85 19.73 5.60 17.42
CA ASN A 85 20.54 4.42 17.77
C ASN A 85 21.49 4.61 18.96
N GLY A 86 21.65 5.86 19.42
CA GLY A 86 22.39 6.13 20.65
C GLY A 86 23.88 6.13 20.42
N SER A 87 24.31 6.47 19.21
CA SER A 87 25.72 6.59 18.87
C SER A 87 26.29 7.92 19.35
N GLY A 88 25.43 8.75 19.93
CA GLY A 88 25.83 10.09 20.35
C GLY A 88 25.86 11.07 19.20
N THR A 89 25.53 10.61 17.98
CA THR A 89 25.69 11.41 16.76
C THR A 89 24.54 11.20 15.80
N LEU A 90 24.35 12.18 14.90
CA LEU A 90 23.28 12.14 13.89
C LEU A 90 23.81 11.72 12.53
N ASP A 91 23.37 10.56 12.06
CA ASP A 91 23.69 10.10 10.71
C ASP A 91 22.59 10.54 9.72
N LEU A 92 22.79 10.22 8.45
CA LEU A 92 21.93 10.74 7.40
C LEU A 92 20.46 10.42 7.70
N GLU A 93 20.15 9.15 7.89
CA GLU A 93 18.80 8.73 8.24
C GLU A 93 18.22 9.53 9.42
N GLU A 94 19.03 9.76 10.46
CA GLU A 94 18.56 10.47 11.65
C GLU A 94 18.35 11.95 11.43
N PHE A 95 19.24 12.54 10.64
CA PHE A 95 19.17 13.94 10.26
C PHE A 95 17.99 14.18 9.34
N LEU A 96 17.81 13.32 8.35
CA LEU A 96 16.70 13.45 7.43
C LEU A 96 15.40 13.45 8.19
N ARG A 97 15.35 12.65 9.26
CA ARG A 97 14.14 12.49 10.03
C ARG A 97 13.89 13.77 10.81
N ALA A 98 14.94 14.26 11.46
CA ALA A 98 14.85 15.45 12.29
C ALA A 98 14.32 16.64 11.51
N LEU A 99 14.65 16.71 10.22
CA LEU A 99 14.27 17.85 9.40
C LEU A 99 12.83 17.80 8.93
N ARG A 100 12.19 16.65 9.11
CA ARG A 100 10.79 16.50 8.78
C ARG A 100 9.97 17.61 9.45
N PRO A 101 8.93 18.12 8.78
CA PRO A 101 8.18 19.13 9.53
C PRO A 101 7.34 18.50 10.64
N PRO A 102 7.20 19.19 11.78
CA PRO A 102 6.25 18.75 12.80
C PRO A 102 4.85 18.52 12.21
N MET A 103 4.14 17.55 12.78
CA MET A 103 2.87 17.11 12.28
C MET A 103 1.83 18.04 12.82
N SER A 104 0.99 18.56 11.93
CA SER A 104 -0.01 19.52 12.34
C SER A 104 -1.13 18.78 13.07
N GLN A 105 -1.93 19.51 13.84
CA GLN A 105 -3.12 18.94 14.48
C GLN A 105 -3.97 18.08 13.51
N ALA A 106 -4.25 18.63 12.33
CA ALA A 106 -5.04 17.93 11.31
C ALA A 106 -4.49 16.55 10.91
N ARG A 107 -3.20 16.47 10.60
CA ARG A 107 -2.62 15.20 10.22
C ARG A 107 -2.59 14.24 11.41
N GLU A 108 -2.22 14.76 12.57
CA GLU A 108 -2.23 13.98 13.80
C GLU A 108 -3.65 13.45 14.09
N ALA A 109 -4.67 14.27 13.80
CA ALA A 109 -6.05 13.88 14.06
C ALA A 109 -6.50 12.70 13.20
N VAL A 110 -6.20 12.70 11.88
CA VAL A 110 -6.59 11.56 11.02
C VAL A 110 -5.82 10.31 11.33
N ILE A 111 -4.56 10.45 11.71
CA ILE A 111 -3.79 9.32 12.11
C ILE A 111 -4.39 8.66 13.35
N ALA A 112 -4.73 9.46 14.36
CA ALA A 112 -5.31 8.92 15.60
C ALA A 112 -6.68 8.31 15.38
N ALA A 113 -7.46 8.90 14.47
CA ALA A 113 -8.79 8.38 14.13
C ALA A 113 -8.69 7.03 13.42
N ALA A 114 -7.66 6.89 12.60
CA ALA A 114 -7.43 5.66 11.91
C ALA A 114 -6.91 4.61 12.90
N PHE A 115 -6.03 5.02 13.81
CA PHE A 115 -5.56 4.08 14.82
C PHE A 115 -6.71 3.69 15.73
N ALA A 116 -7.47 4.67 16.23
CA ALA A 116 -8.64 4.38 17.05
C ALA A 116 -9.58 3.38 16.38
N LYS A 117 -9.75 3.50 15.08
CA LYS A 117 -10.66 2.63 14.36
C LYS A 117 -10.12 1.20 14.40
N LEU A 118 -8.83 1.04 14.11
CA LEU A 118 -8.22 -0.29 14.07
C LEU A 118 -8.19 -0.98 15.43
N ASP A 119 -7.94 -0.23 16.49
CA ASP A 119 -7.78 -0.80 17.82
C ASP A 119 -9.14 -1.07 18.40
N ARG A 120 -9.76 -2.15 17.92
CA ARG A 120 -11.08 -2.59 18.37
C ARG A 120 -11.20 -2.85 19.86
N SER A 121 -10.24 -3.56 20.45
CA SER A 121 -10.30 -3.94 21.85
C SER A 121 -10.06 -2.73 22.69
N GLY A 122 -9.48 -1.69 22.08
CA GLY A 122 -9.18 -0.48 22.79
C GLY A 122 -8.16 -0.69 23.90
N ASP A 123 -7.16 -1.54 23.66
CA ASP A 123 -6.09 -1.78 24.64
C ASP A 123 -4.82 -1.04 24.29
N GLY A 124 -4.84 -0.25 23.22
CA GLY A 124 -3.70 0.60 22.88
C GLY A 124 -2.85 0.04 21.77
N VAL A 125 -3.12 -1.21 21.39
CA VAL A 125 -2.36 -1.86 20.33
C VAL A 125 -3.29 -2.47 19.31
N VAL A 126 -2.88 -2.42 18.04
CA VAL A 126 -3.66 -3.03 16.95
C VAL A 126 -3.08 -4.38 16.63
N THR A 127 -3.90 -5.41 16.73
CA THR A 127 -3.48 -6.78 16.44
C THR A 127 -4.32 -7.45 15.33
N VAL A 128 -3.95 -8.66 14.93
CA VAL A 128 -4.73 -9.34 13.91
C VAL A 128 -6.15 -9.52 14.43
N ASP A 129 -6.26 -9.63 15.75
CA ASP A 129 -7.56 -9.86 16.36
C ASP A 129 -8.44 -8.63 16.23
N ASP A 130 -7.85 -7.46 16.43
CA ASP A 130 -8.53 -6.21 16.12
C ASP A 130 -8.95 -6.27 14.67
N LEU A 131 -7.97 -6.37 13.78
CA LEU A 131 -8.22 -6.32 12.33
C LEU A 131 -9.35 -7.20 11.86
N ARG A 132 -9.49 -8.39 12.46
CA ARG A 132 -10.54 -9.35 12.05
C ARG A 132 -11.96 -8.81 12.22
N GLY A 133 -12.15 -7.90 13.17
CA GLY A 133 -13.44 -7.26 13.40
C GLY A 133 -13.67 -6.07 12.50
N VAL A 134 -12.61 -5.60 11.84
CA VAL A 134 -12.69 -4.48 10.92
C VAL A 134 -12.70 -4.94 9.46
N TYR A 135 -11.81 -5.87 9.10
CA TYR A 135 -11.69 -6.33 7.71
C TYR A 135 -11.87 -7.83 7.65
N SER A 136 -12.51 -8.29 6.57
CA SER A 136 -12.46 -9.70 6.18
C SER A 136 -11.30 -9.93 5.23
N GLY A 137 -10.50 -10.96 5.46
CA GLY A 137 -9.40 -11.28 4.55
C GLY A 137 -9.74 -12.40 3.57
N ARG A 138 -10.98 -12.87 3.63
CA ARG A 138 -11.39 -14.10 2.96
C ARG A 138 -11.42 -14.05 1.44
N ALA A 139 -11.79 -12.90 0.89
CA ALA A 139 -11.93 -12.68 -0.54
C ALA A 139 -10.57 -12.59 -1.22
N HIS A 140 -9.53 -12.39 -0.44
CA HIS A 140 -8.17 -12.27 -0.97
C HIS A 140 -7.75 -13.48 -1.84
N PRO A 141 -7.10 -13.23 -2.99
CA PRO A 141 -6.66 -14.25 -3.96
C PRO A 141 -5.74 -15.32 -3.40
N LYS A 142 -4.84 -14.93 -2.51
CA LYS A 142 -3.95 -15.86 -1.85
C LYS A 142 -4.65 -16.76 -0.83
N VAL A 143 -5.82 -16.33 -0.36
CA VAL A 143 -6.66 -17.14 0.47
C VAL A 143 -7.52 -18.05 -0.39
N ARG A 144 -7.93 -17.56 -1.55
CA ARG A 144 -8.81 -18.35 -2.45
C ARG A 144 -8.07 -19.52 -3.13
N SER A 145 -6.76 -19.39 -3.29
CA SER A 145 -5.92 -20.43 -3.92
C SER A 145 -5.50 -21.51 -2.94
N GLY A 146 -5.85 -21.34 -1.68
CA GLY A 146 -5.41 -22.22 -0.61
C GLY A 146 -4.03 -21.96 -0.01
N GLU A 147 -3.32 -20.96 -0.50
CA GLU A 147 -1.94 -20.83 -0.05
C GLU A 147 -1.79 -20.01 1.21
N TRP A 148 -2.72 -19.11 1.47
CA TRP A 148 -2.69 -18.27 2.68
C TRP A 148 -4.00 -18.36 3.45
N THR A 149 -3.92 -18.21 4.77
CA THR A 149 -5.13 -18.12 5.59
C THR A 149 -5.52 -16.66 5.77
N GLU A 150 -6.79 -16.43 6.14
CA GLU A 150 -7.24 -15.08 6.44
C GLU A 150 -6.28 -14.39 7.41
N ASP A 151 -5.97 -15.06 8.52
CA ASP A 151 -5.16 -14.42 9.54
C ASP A 151 -3.79 -14.12 9.00
N GLU A 152 -3.31 -14.90 8.03
CA GLU A 152 -2.00 -14.64 7.47
C GLU A 152 -2.02 -13.41 6.59
N VAL A 153 -3.06 -13.27 5.77
CA VAL A 153 -3.24 -12.02 5.02
C VAL A 153 -3.34 -10.80 5.98
N LEU A 154 -4.15 -10.94 7.01
CA LEU A 154 -4.29 -9.95 8.05
C LEU A 154 -3.00 -9.62 8.79
N ARG A 155 -2.17 -10.63 9.02
CA ARG A 155 -0.89 -10.39 9.65
C ARG A 155 0.02 -9.66 8.67
N ARG A 156 -0.08 -10.02 7.40
CA ARG A 156 0.75 -9.44 6.34
C ARG A 156 0.47 -7.95 6.21
N PHE A 157 -0.82 -7.61 6.27
CA PHE A 157 -1.26 -6.25 6.25
C PHE A 157 -0.76 -5.50 7.48
N LEU A 158 -0.80 -6.14 8.64
CA LEU A 158 -0.38 -5.48 9.85
C LEU A 158 1.12 -5.13 9.79
N ASP A 159 1.94 -6.08 9.33
CA ASP A 159 3.40 -5.92 9.27
C ASP A 159 3.84 -4.59 8.64
N ASN A 160 3.15 -4.18 7.58
CA ASN A 160 3.50 -2.94 6.89
C ASN A 160 3.59 -1.74 7.83
N PHE A 161 2.70 -1.71 8.83
CA PHE A 161 2.64 -0.61 9.82
C PHE A 161 3.52 -0.88 11.03
N ASP A 162 4.06 -2.09 11.14
CA ASP A 162 4.82 -2.49 12.32
C ASP A 162 6.23 -1.94 12.26
N SER A 163 6.85 -1.82 13.43
CA SER A 163 8.27 -1.55 13.54
C SER A 163 9.07 -2.62 12.78
N SER A 164 10.35 -2.36 12.53
CA SER A 164 11.20 -3.29 11.76
C SER A 164 11.17 -4.73 12.28
N GLU A 165 10.96 -4.88 13.59
CA GLU A 165 10.73 -6.18 14.24
C GLU A 165 9.20 -6.52 14.31
N LYS A 166 8.75 -7.40 13.44
CA LYS A 166 7.32 -7.75 13.34
C LYS A 166 6.83 -8.65 14.49
N ASP A 167 5.78 -8.24 15.19
CA ASP A 167 5.32 -8.96 16.38
C ASP A 167 3.80 -8.99 16.53
N GLY A 168 3.09 -8.76 15.41
CA GLY A 168 1.63 -8.76 15.40
C GLY A 168 0.99 -7.74 16.35
N GLN A 169 1.78 -6.73 16.69
CA GLN A 169 1.36 -5.67 17.59
C GLN A 169 1.79 -4.37 16.94
N VAL A 170 0.84 -3.49 16.66
CA VAL A 170 1.19 -2.17 16.21
C VAL A 170 0.59 -1.16 17.17
N THR A 171 1.48 -0.43 17.83
CA THR A 171 1.17 0.58 18.84
C THR A 171 0.99 1.89 18.13
N LEU A 172 0.31 2.85 18.74
CA LEU A 172 0.16 4.18 18.15
C LEU A 172 1.50 4.79 17.78
N ALA A 173 2.49 4.63 18.66
CA ALA A 173 3.87 5.07 18.38
C ALA A 173 4.32 4.53 17.04
N GLU A 174 4.20 3.21 16.85
CA GLU A 174 4.60 2.56 15.62
C GLU A 174 3.81 3.04 14.40
N PHE A 175 2.49 3.07 14.53
CA PHE A 175 1.59 3.64 13.53
C PHE A 175 2.00 5.07 13.15
N GLN A 176 2.27 5.90 14.16
CA GLN A 176 2.69 7.29 13.92
C GLN A 176 4.03 7.33 13.17
N ASP A 177 4.98 6.54 13.64
CA ASP A 177 6.28 6.40 12.98
C ASP A 177 6.13 5.99 11.51
N TYR A 178 5.18 5.11 11.23
CA TYR A 178 4.96 4.65 9.87
C TYR A 178 4.49 5.80 8.99
N TYR A 179 3.56 6.59 9.52
CA TYR A 179 2.97 7.68 8.76
C TYR A 179 3.81 8.96 8.72
N SER A 180 4.77 9.12 9.63
CA SER A 180 5.70 10.25 9.56
C SER A 180 6.32 10.36 8.17
N GLY A 181 6.89 9.27 7.67
CA GLY A 181 7.47 9.23 6.33
C GLY A 181 6.51 9.61 5.20
N VAL A 182 5.32 9.02 5.24
CA VAL A 182 4.29 9.22 4.21
C VAL A 182 3.83 10.67 4.27
N SER A 183 3.51 11.12 5.48
CA SER A 183 3.11 12.51 5.71
C SER A 183 4.06 13.48 5.03
N ALA A 184 5.36 13.36 5.35
CA ALA A 184 6.39 14.23 4.79
C ALA A 184 6.40 14.28 3.27
N SER A 185 5.89 13.23 2.62
CA SER A 185 5.78 13.15 1.18
C SER A 185 4.72 14.06 0.54
N MET A 186 3.66 14.39 1.27
CA MET A 186 2.57 15.19 0.74
C MET A 186 2.60 16.62 1.28
N ASN A 187 2.55 17.61 0.38
CA ASN A 187 2.63 19.04 0.71
C ASN A 187 1.54 19.62 1.61
N THR A 188 0.27 19.35 1.31
CA THR A 188 -0.82 20.02 1.99
C THR A 188 -1.56 19.11 2.96
N ASP A 189 -1.92 19.66 4.11
CA ASP A 189 -2.72 18.93 5.08
C ASP A 189 -3.95 18.27 4.46
N GLU A 190 -4.60 18.97 3.54
CA GLU A 190 -5.82 18.51 2.89
C GLU A 190 -5.62 17.26 2.04
N GLU A 191 -4.56 17.23 1.24
CA GLU A 191 -4.25 16.01 0.50
C GLU A 191 -4.11 14.86 1.48
N PHE A 192 -3.38 15.09 2.56
CA PHE A 192 -3.07 14.03 3.47
C PHE A 192 -4.29 13.56 4.21
N VAL A 193 -5.15 14.49 4.59
CA VAL A 193 -6.33 14.16 5.37
C VAL A 193 -7.33 13.36 4.53
N ALA A 194 -7.54 13.80 3.29
CA ALA A 194 -8.41 13.11 2.35
C ALA A 194 -7.85 11.73 2.01
N MET A 195 -6.56 11.62 1.76
CA MET A 195 -5.95 10.32 1.51
C MET A 195 -6.36 9.36 2.62
N MET A 196 -6.01 9.72 3.86
CA MET A 196 -6.26 8.90 5.01
C MET A 196 -7.75 8.56 5.16
N THR A 197 -8.63 9.52 4.89
CA THR A 197 -10.07 9.29 5.04
C THR A 197 -10.54 8.25 4.04
N SER A 198 -9.98 8.29 2.85
CA SER A 198 -10.30 7.22 1.90
C SER A 198 -9.60 5.92 2.22
N ALA A 199 -8.40 5.96 2.76
CA ALA A 199 -7.68 4.74 3.06
C ALA A 199 -8.37 3.92 4.16
N TRP A 200 -8.87 4.57 5.21
CA TRP A 200 -9.43 3.84 6.35
C TRP A 200 -10.93 4.03 6.48
N GLN A 201 -11.51 4.75 5.54
CA GLN A 201 -12.96 4.87 5.44
C GLN A 201 -13.55 5.37 6.77
N LEU A 202 -13.30 6.65 7.10
CA LEU A 202 -13.66 7.25 8.38
C LEU A 202 -14.83 8.22 8.23
N VAL B 17 9.37 -8.41 -4.24
CA VAL B 17 8.80 -9.14 -5.41
C VAL B 17 7.72 -8.32 -6.12
N ASP B 18 6.82 -7.73 -5.34
CA ASP B 18 5.78 -6.84 -5.86
C ASP B 18 6.44 -5.54 -6.27
N ALA B 19 7.47 -5.16 -5.51
CA ALA B 19 8.26 -3.97 -5.81
C ALA B 19 9.01 -4.16 -7.12
N THR B 20 9.52 -5.37 -7.35
CA THR B 20 10.16 -5.69 -8.61
C THR B 20 9.10 -5.67 -9.72
N MET B 21 7.92 -6.23 -9.42
CA MET B 21 6.82 -6.22 -10.39
C MET B 21 6.28 -4.81 -10.65
N GLU B 22 6.48 -3.87 -9.73
CA GLU B 22 6.10 -2.48 -10.00
C GLU B 22 7.17 -1.70 -10.78
N LYS B 23 8.43 -2.03 -10.54
CA LYS B 23 9.54 -1.40 -11.26
C LYS B 23 9.48 -1.71 -12.75
N LEU B 24 8.88 -2.86 -13.07
CA LEU B 24 8.73 -3.31 -14.45
C LEU B 24 7.80 -2.39 -15.19
N ARG B 25 6.67 -2.07 -14.56
CA ARG B 25 5.67 -1.20 -15.17
C ARG B 25 6.21 0.22 -15.26
N ALA B 26 6.75 0.72 -14.15
CA ALA B 26 7.41 2.03 -14.13
C ALA B 26 8.33 2.13 -15.33
N GLN B 27 8.98 1.02 -15.65
CA GLN B 27 9.90 0.94 -16.78
C GLN B 27 9.16 0.87 -18.10
N CYS B 28 8.04 0.13 -18.11
CA CYS B 28 7.21 -0.01 -19.30
C CYS B 28 6.59 1.33 -19.65
N LEU B 29 6.31 2.12 -18.60
CA LEU B 29 5.69 3.42 -18.71
C LEU B 29 6.54 4.37 -19.55
N SER B 30 7.85 4.13 -19.55
CA SER B 30 8.77 4.76 -20.51
C SER B 30 8.47 4.25 -21.94
N ARG B 31 7.30 4.67 -22.44
CA ARG B 31 6.81 4.51 -23.82
C ARG B 31 5.78 3.38 -24.06
N GLY B 32 6.00 2.22 -23.42
CA GLY B 32 5.23 1.01 -23.69
C GLY B 32 3.84 0.99 -23.10
N GLY B 35 1.27 1.45 -24.90
CA GLY B 35 0.79 1.45 -23.52
C GLY B 35 0.29 0.08 -23.07
N ILE B 36 -0.36 -0.62 -24.00
CA ILE B 36 -0.83 -1.99 -23.80
C ILE B 36 -0.67 -2.74 -25.14
N GLN B 37 -0.68 -2.00 -26.25
CA GLN B 37 -0.35 -2.60 -27.53
C GLN B 37 1.15 -2.83 -27.55
N GLY B 38 1.86 -1.99 -26.78
CA GLY B 38 3.31 -2.10 -26.63
C GLY B 38 3.68 -3.28 -25.76
N LEU B 39 2.78 -3.63 -24.84
CA LEU B 39 2.98 -4.79 -23.98
C LEU B 39 3.04 -6.10 -24.79
N ALA B 40 2.18 -6.23 -25.80
CA ALA B 40 2.19 -7.39 -26.70
C ALA B 40 3.51 -7.47 -27.46
N ARG B 41 4.05 -6.30 -27.76
CA ARG B 41 5.28 -6.17 -28.52
C ARG B 41 6.44 -6.64 -27.64
N PHE B 42 6.37 -6.28 -26.36
CA PHE B 42 7.37 -6.66 -25.37
C PHE B 42 7.20 -8.12 -24.97
N PHE B 43 5.95 -8.57 -24.90
CA PHE B 43 5.60 -9.96 -24.62
C PHE B 43 6.31 -10.86 -25.60
N ARG B 44 6.23 -10.52 -26.89
CA ARG B 44 6.81 -11.36 -27.92
C ARG B 44 8.34 -11.30 -27.97
N GLN B 45 8.92 -10.23 -27.43
CA GLN B 45 10.37 -10.17 -27.29
C GLN B 45 10.87 -10.96 -26.10
N LEU B 46 9.99 -11.14 -25.10
CA LEU B 46 10.26 -12.03 -23.96
C LEU B 46 10.15 -13.51 -24.33
N ASP B 47 9.24 -13.80 -25.25
CA ASP B 47 9.05 -15.17 -25.70
C ASP B 47 10.12 -15.59 -26.70
N ARG B 48 11.29 -15.95 -26.18
CA ARG B 48 12.43 -16.36 -27.01
C ARG B 48 12.11 -17.46 -28.03
N ASP B 49 11.47 -18.53 -27.57
CA ASP B 49 11.16 -19.66 -28.46
C ASP B 49 9.93 -19.44 -29.32
N GLY B 50 9.23 -18.33 -29.06
CA GLY B 50 8.07 -17.99 -29.87
C GLY B 50 6.89 -18.91 -29.60
N SER B 51 6.94 -19.63 -28.48
CA SER B 51 5.92 -20.61 -28.16
C SER B 51 4.56 -19.97 -27.88
N ARG B 52 4.53 -18.63 -27.88
CA ARG B 52 3.32 -17.85 -27.59
C ARG B 52 2.91 -17.87 -26.11
N SER B 53 3.83 -18.30 -25.25
CA SER B 53 3.63 -18.23 -23.80
C SER B 53 4.97 -18.08 -23.10
N LEU B 54 4.94 -17.58 -21.88
CA LEU B 54 6.16 -17.35 -21.10
C LEU B 54 6.28 -18.38 -20.00
N ASP B 55 7.46 -18.99 -19.92
CA ASP B 55 7.83 -19.87 -18.83
C ASP B 55 8.54 -19.03 -17.77
N ALA B 56 8.64 -19.60 -16.57
CA ALA B 56 9.31 -18.90 -15.47
C ALA B 56 10.74 -18.54 -15.89
N ASP B 57 11.34 -19.43 -16.69
CA ASP B 57 12.72 -19.24 -17.12
C ASP B 57 12.79 -18.03 -18.06
N GLU B 58 12.04 -18.07 -19.16
CA GLU B 58 12.00 -16.95 -20.11
C GLU B 58 11.70 -15.62 -19.46
N PHE B 59 10.78 -15.65 -18.49
CA PHE B 59 10.37 -14.45 -17.76
C PHE B 59 11.52 -13.85 -16.97
N ARG B 60 12.34 -14.73 -16.37
CA ARG B 60 13.45 -14.33 -15.51
C ARG B 60 14.60 -13.72 -16.29
N GLN B 61 15.02 -14.36 -17.39
CA GLN B 61 16.11 -13.85 -18.23
C GLN B 61 15.74 -12.51 -18.89
N GLY B 62 14.46 -12.33 -19.15
CA GLY B 62 13.99 -11.10 -19.77
C GLY B 62 14.05 -9.92 -18.82
N LEU B 63 13.73 -10.17 -17.57
CA LEU B 63 13.81 -9.14 -16.54
C LEU B 63 15.25 -8.81 -16.17
N ALA B 64 16.09 -9.84 -16.17
CA ALA B 64 17.54 -9.66 -15.98
C ALA B 64 18.10 -8.68 -17.02
N LYS B 65 17.62 -8.75 -18.26
CA LYS B 65 18.04 -7.83 -19.31
C LYS B 65 17.69 -6.37 -18.99
N LEU B 66 16.80 -6.18 -18.01
CA LEU B 66 16.31 -4.86 -17.61
C LEU B 66 16.78 -4.43 -16.21
N GLY B 67 17.72 -5.16 -15.63
CA GLY B 67 18.27 -4.81 -14.33
C GLY B 67 17.41 -5.23 -13.17
N LEU B 68 16.30 -5.90 -13.47
CA LEU B 68 15.43 -6.46 -12.44
C LEU B 68 15.84 -7.91 -12.19
N VAL B 69 16.08 -8.25 -10.93
CA VAL B 69 16.59 -9.58 -10.60
C VAL B 69 15.72 -10.33 -9.59
N LEU B 70 15.20 -11.48 -10.03
CA LEU B 70 14.66 -12.45 -9.11
C LEU B 70 15.07 -13.87 -9.54
N ASP B 71 15.12 -14.78 -8.57
CA ASP B 71 15.56 -16.16 -8.80
C ASP B 71 14.42 -17.04 -9.29
N GLN B 72 14.76 -18.24 -9.80
CA GLN B 72 13.77 -19.14 -10.40
C GLN B 72 12.50 -19.34 -9.58
N ALA B 73 12.67 -19.60 -8.28
CA ALA B 73 11.54 -19.82 -7.37
C ALA B 73 10.66 -18.58 -7.28
N GLU B 74 11.28 -17.40 -7.37
CA GLU B 74 10.53 -16.16 -7.43
C GLU B 74 9.76 -16.07 -8.77
N ALA B 75 10.43 -16.44 -9.87
CA ALA B 75 9.81 -16.42 -11.20
C ALA B 75 8.58 -17.31 -11.24
N GLU B 76 8.74 -18.59 -10.96
CA GLU B 76 7.62 -19.54 -10.88
C GLU B 76 6.49 -18.96 -10.04
N GLY B 77 6.87 -18.25 -8.98
CA GLY B 77 5.92 -17.63 -8.05
C GLY B 77 5.08 -16.57 -8.74
N VAL B 78 5.74 -15.71 -9.52
CA VAL B 78 5.05 -14.67 -10.29
C VAL B 78 4.16 -15.28 -11.37
N CYS B 79 4.70 -16.25 -12.10
CA CYS B 79 3.92 -17.03 -13.06
C CYS B 79 2.74 -17.73 -12.40
N ARG B 80 2.93 -18.22 -11.18
CA ARG B 80 1.89 -18.93 -10.45
C ARG B 80 0.71 -17.97 -10.17
N LYS B 81 1.04 -16.76 -9.75
CA LYS B 81 0.06 -15.74 -9.38
C LYS B 81 -0.85 -15.33 -10.56
N TRP B 82 -0.25 -15.13 -11.72
CA TRP B 82 -0.99 -14.64 -12.88
C TRP B 82 -1.48 -15.73 -13.83
N ASP B 83 -0.95 -16.94 -13.69
CA ASP B 83 -1.41 -18.07 -14.50
C ASP B 83 -2.83 -18.43 -14.10
N ARG B 84 -3.78 -17.89 -14.84
CA ARG B 84 -5.19 -18.00 -14.51
C ARG B 84 -5.83 -19.33 -14.93
N ASN B 85 -5.14 -20.08 -15.79
CA ASN B 85 -5.66 -21.38 -16.23
C ASN B 85 -4.76 -22.58 -15.88
N GLY B 86 -3.88 -22.39 -14.92
CA GLY B 86 -2.99 -23.46 -14.47
C GLY B 86 -2.22 -24.18 -15.56
N SER B 87 -1.69 -23.44 -16.52
CA SER B 87 -0.89 -24.03 -17.59
C SER B 87 0.58 -24.07 -17.18
N GLY B 88 0.89 -23.53 -16.01
CA GLY B 88 2.28 -23.34 -15.60
C GLY B 88 3.00 -22.28 -16.40
N THR B 89 2.26 -21.59 -17.27
CA THR B 89 2.85 -20.62 -18.19
C THR B 89 1.97 -19.38 -18.35
N LEU B 90 2.60 -18.27 -18.75
CA LEU B 90 1.88 -17.02 -19.01
C LEU B 90 1.63 -16.78 -20.50
N ASP B 91 0.34 -16.77 -20.89
CA ASP B 91 -0.06 -16.40 -22.25
C ASP B 91 -0.26 -14.89 -22.36
N LEU B 92 -0.61 -14.43 -23.56
CA LEU B 92 -0.67 -13.01 -23.87
C LEU B 92 -1.69 -12.32 -22.98
N GLU B 93 -2.83 -12.97 -22.76
CA GLU B 93 -3.89 -12.39 -21.93
C GLU B 93 -3.45 -12.21 -20.48
N GLU B 94 -2.89 -13.26 -19.90
CA GLU B 94 -2.41 -13.25 -18.53
C GLU B 94 -1.29 -12.22 -18.33
N PHE B 95 -0.40 -12.14 -19.32
CA PHE B 95 0.71 -11.19 -19.30
C PHE B 95 0.20 -9.77 -19.34
N LEU B 96 -0.82 -9.53 -20.15
CA LEU B 96 -1.41 -8.20 -20.22
C LEU B 96 -2.09 -7.84 -18.91
N ARG B 97 -2.73 -8.83 -18.27
CA ARG B 97 -3.37 -8.56 -16.99
C ARG B 97 -2.32 -8.35 -15.90
N ALA B 98 -1.14 -8.93 -16.08
CA ALA B 98 -0.05 -8.82 -15.12
C ALA B 98 0.50 -7.40 -15.09
N LEU B 99 0.61 -6.79 -16.27
CA LEU B 99 1.22 -5.48 -16.43
C LEU B 99 0.22 -4.31 -16.42
N ARG B 100 -1.08 -4.61 -16.30
CA ARG B 100 -2.07 -3.54 -16.16
C ARG B 100 -1.73 -2.72 -14.93
N PRO B 101 -1.55 -1.40 -15.08
CA PRO B 101 -1.39 -0.58 -13.87
C PRO B 101 -2.51 -0.84 -12.88
N PRO B 102 -2.17 -1.27 -11.65
CA PRO B 102 -3.18 -1.58 -10.64
C PRO B 102 -4.09 -0.36 -10.40
N MET B 103 -5.35 -0.57 -10.04
CA MET B 103 -6.21 0.60 -9.78
C MET B 103 -5.90 1.27 -8.43
N SER B 104 -6.13 2.58 -8.37
CA SER B 104 -5.92 3.35 -7.15
C SER B 104 -6.67 2.70 -6.00
N GLN B 105 -6.23 2.94 -4.77
CA GLN B 105 -6.88 2.33 -3.62
C GLN B 105 -8.35 2.76 -3.41
N ALA B 106 -8.68 4.01 -3.70
CA ALA B 106 -10.04 4.51 -3.47
C ALA B 106 -11.03 3.77 -4.34
N ARG B 107 -10.62 3.53 -5.59
CA ARG B 107 -11.43 2.81 -6.55
C ARG B 107 -11.52 1.36 -6.12
N GLU B 108 -10.45 0.89 -5.53
CA GLU B 108 -10.38 -0.49 -5.10
C GLU B 108 -11.28 -0.68 -3.87
N ALA B 109 -11.26 0.30 -2.98
CA ALA B 109 -12.04 0.28 -1.76
C ALA B 109 -13.54 0.24 -2.04
N VAL B 110 -14.06 1.07 -2.96
CA VAL B 110 -15.50 1.05 -3.23
C VAL B 110 -15.91 -0.30 -3.76
N ILE B 111 -15.12 -0.87 -4.68
CA ILE B 111 -15.35 -2.24 -5.18
C ILE B 111 -15.41 -3.22 -4.01
N ALA B 112 -14.35 -3.21 -3.19
CA ALA B 112 -14.29 -4.02 -1.99
C ALA B 112 -15.58 -3.85 -1.21
N ALA B 113 -15.97 -2.60 -1.01
CA ALA B 113 -17.15 -2.29 -0.26
C ALA B 113 -18.38 -2.93 -0.92
N ALA B 114 -18.49 -2.80 -2.24
CA ALA B 114 -19.67 -3.28 -2.92
C ALA B 114 -19.67 -4.80 -2.96
N PHE B 115 -18.49 -5.41 -2.83
CA PHE B 115 -18.35 -6.86 -2.85
C PHE B 115 -18.93 -7.43 -1.54
N ALA B 116 -18.59 -6.78 -0.44
CA ALA B 116 -19.09 -7.13 0.87
C ALA B 116 -20.60 -7.12 0.82
N LYS B 117 -21.20 -6.08 0.24
CA LYS B 117 -22.66 -6.01 0.17
C LYS B 117 -23.15 -7.22 -0.55
N LEU B 118 -22.58 -7.48 -1.72
CA LEU B 118 -23.10 -8.48 -2.61
C LEU B 118 -22.96 -9.84 -1.94
N ASP B 119 -21.86 -10.04 -1.23
CA ASP B 119 -21.59 -11.31 -0.56
C ASP B 119 -22.31 -11.42 0.81
N ARG B 120 -23.64 -11.35 0.83
CA ARG B 120 -24.42 -11.63 2.06
C ARG B 120 -23.77 -12.61 3.08
N SER B 121 -23.52 -13.84 2.64
CA SER B 121 -22.91 -14.90 3.46
C SER B 121 -21.51 -14.56 3.99
N GLY B 122 -20.80 -13.69 3.26
CA GLY B 122 -19.52 -13.18 3.71
C GLY B 122 -18.42 -14.21 3.85
N ASP B 123 -18.48 -15.27 3.07
CA ASP B 123 -17.44 -16.30 3.12
C ASP B 123 -16.25 -15.92 2.24
N GLY B 124 -16.44 -14.95 1.35
CA GLY B 124 -15.35 -14.54 0.43
C GLY B 124 -15.68 -14.64 -1.06
N VAL B 125 -16.75 -15.34 -1.40
CA VAL B 125 -17.18 -15.46 -2.77
C VAL B 125 -18.68 -15.21 -2.86
N VAL B 126 -19.12 -14.79 -4.05
CA VAL B 126 -20.54 -14.54 -4.29
C VAL B 126 -21.11 -15.72 -5.07
N THR B 127 -22.22 -16.26 -4.56
CA THR B 127 -22.86 -17.40 -5.22
C THR B 127 -24.36 -17.12 -5.44
N VAL B 128 -25.03 -18.03 -6.17
CA VAL B 128 -26.47 -17.97 -6.41
C VAL B 128 -27.22 -17.78 -5.08
N ASP B 129 -26.74 -18.44 -4.03
CA ASP B 129 -27.33 -18.32 -2.69
C ASP B 129 -27.23 -16.94 -2.07
N ASP B 130 -26.16 -16.21 -2.37
CA ASP B 130 -25.99 -14.87 -1.82
C ASP B 130 -27.05 -13.94 -2.41
N LEU B 131 -27.49 -14.26 -3.63
CA LEU B 131 -28.41 -13.43 -4.38
C LEU B 131 -29.86 -13.71 -4.02
N ARG B 132 -30.08 -14.77 -3.24
CA ARG B 132 -31.43 -15.10 -2.79
C ARG B 132 -31.96 -14.05 -1.81
N GLY B 133 -33.20 -13.62 -2.05
CA GLY B 133 -33.85 -12.61 -1.22
C GLY B 133 -33.48 -11.18 -1.55
N VAL B 134 -32.50 -10.99 -2.42
CA VAL B 134 -32.04 -9.64 -2.78
C VAL B 134 -32.44 -9.31 -4.21
N TYR B 135 -32.47 -10.34 -5.04
CA TYR B 135 -32.86 -10.21 -6.44
C TYR B 135 -33.80 -11.36 -6.82
N SER B 136 -34.63 -11.12 -7.84
CA SER B 136 -35.48 -12.16 -8.43
C SER B 136 -36.02 -11.70 -9.79
N GLY B 146 -43.38 -20.91 -17.37
CA GLY B 146 -42.97 -22.33 -17.32
C GLY B 146 -41.50 -22.61 -17.62
N GLU B 147 -40.93 -21.89 -18.57
CA GLU B 147 -39.53 -22.08 -18.80
C GLU B 147 -38.74 -20.94 -18.21
N TRP B 148 -37.46 -21.22 -17.96
CA TRP B 148 -36.61 -20.48 -17.00
C TRP B 148 -37.21 -20.50 -15.59
N THR B 149 -36.44 -21.02 -14.62
CA THR B 149 -36.94 -21.19 -13.25
C THR B 149 -36.12 -20.40 -12.25
N GLU B 150 -36.80 -19.67 -11.36
CA GLU B 150 -36.17 -19.18 -10.12
C GLU B 150 -34.67 -18.89 -10.25
N ASP B 151 -33.84 -19.78 -9.69
CA ASP B 151 -32.40 -19.56 -9.56
C ASP B 151 -31.60 -19.74 -10.84
N GLU B 152 -32.22 -20.36 -11.83
CA GLU B 152 -31.72 -20.36 -13.20
C GLU B 152 -31.58 -18.90 -13.65
N VAL B 153 -32.61 -18.09 -13.36
CA VAL B 153 -32.51 -16.65 -13.60
C VAL B 153 -31.44 -16.05 -12.69
N LEU B 154 -31.47 -16.38 -11.40
CA LEU B 154 -30.43 -15.94 -10.46
C LEU B 154 -29.03 -16.29 -10.94
N ARG B 155 -28.87 -17.51 -11.49
CA ARG B 155 -27.61 -17.94 -12.07
C ARG B 155 -27.18 -17.02 -13.22
N ARG B 156 -28.10 -16.69 -14.12
CA ARG B 156 -27.78 -15.77 -15.17
C ARG B 156 -27.31 -14.40 -14.70
N PHE B 157 -27.80 -13.96 -13.56
CA PHE B 157 -27.29 -12.73 -12.97
C PHE B 157 -25.84 -12.92 -12.49
N LEU B 158 -25.60 -13.94 -11.66
CA LEU B 158 -24.26 -14.26 -11.19
C LEU B 158 -23.27 -14.25 -12.34
N ASP B 159 -23.68 -14.86 -13.45
CA ASP B 159 -22.87 -14.98 -14.69
C ASP B 159 -22.36 -13.64 -15.23
N ASN B 160 -23.23 -12.63 -15.20
CA ASN B 160 -22.88 -11.32 -15.65
C ASN B 160 -21.53 -10.84 -15.10
N PHE B 161 -21.34 -10.98 -13.78
CA PHE B 161 -20.09 -10.56 -13.13
C PHE B 161 -18.95 -11.58 -13.22
N ASP B 162 -19.28 -12.82 -13.60
CA ASP B 162 -18.30 -13.90 -13.55
C ASP B 162 -17.40 -13.76 -14.76
N SER B 163 -16.27 -14.45 -14.71
CA SER B 163 -15.41 -14.62 -15.86
C SER B 163 -16.14 -15.22 -17.07
N SER B 164 -15.43 -15.31 -18.19
CA SER B 164 -16.01 -15.84 -19.42
C SER B 164 -16.44 -17.28 -19.25
N GLU B 165 -15.73 -18.05 -18.42
CA GLU B 165 -16.11 -19.46 -18.13
C GLU B 165 -16.86 -19.56 -16.81
N LYS B 166 -18.18 -19.44 -16.89
CA LYS B 166 -19.01 -19.42 -15.69
C LYS B 166 -18.85 -20.71 -14.87
N ASP B 167 -18.54 -20.58 -13.58
CA ASP B 167 -18.44 -21.72 -12.66
C ASP B 167 -19.27 -21.54 -11.37
N GLY B 168 -20.23 -20.61 -11.40
CA GLY B 168 -21.11 -20.38 -10.26
C GLY B 168 -20.49 -19.77 -9.01
N GLN B 169 -19.43 -19.00 -9.20
CA GLN B 169 -18.71 -18.37 -8.12
C GLN B 169 -18.13 -17.08 -8.67
N VAL B 170 -18.25 -16.01 -7.90
CA VAL B 170 -17.63 -14.74 -8.28
C VAL B 170 -16.66 -14.31 -7.20
N THR B 171 -15.38 -14.31 -7.53
CA THR B 171 -14.37 -13.84 -6.61
C THR B 171 -14.30 -12.31 -6.62
N LEU B 172 -13.48 -11.78 -5.71
CA LEU B 172 -13.24 -10.35 -5.58
C LEU B 172 -12.45 -9.92 -6.81
N ALA B 173 -11.44 -10.72 -7.16
CA ALA B 173 -10.65 -10.44 -8.37
C ALA B 173 -11.54 -10.42 -9.61
N GLU B 174 -12.54 -11.29 -9.65
CA GLU B 174 -13.41 -11.35 -10.81
C GLU B 174 -14.30 -10.14 -10.86
N PHE B 175 -14.94 -9.84 -9.73
CA PHE B 175 -15.74 -8.62 -9.58
C PHE B 175 -14.93 -7.40 -9.98
N GLN B 176 -13.66 -7.37 -9.59
CA GLN B 176 -12.80 -6.26 -9.88
C GLN B 176 -12.58 -6.09 -11.37
N ASP B 177 -12.47 -7.21 -12.09
CA ASP B 177 -12.28 -7.19 -13.55
C ASP B 177 -13.52 -6.60 -14.20
N TYR B 178 -14.68 -6.96 -13.67
CA TYR B 178 -15.95 -6.57 -14.25
C TYR B 178 -16.03 -5.06 -14.42
N TYR B 179 -15.23 -4.33 -13.65
CA TYR B 179 -15.29 -2.88 -13.60
C TYR B 179 -14.03 -2.24 -14.13
N SER B 180 -13.08 -3.08 -14.54
CA SER B 180 -11.81 -2.61 -15.07
C SER B 180 -12.09 -1.71 -16.26
N GLY B 181 -13.09 -2.09 -17.05
CA GLY B 181 -13.52 -1.32 -18.22
C GLY B 181 -13.95 0.09 -17.92
N VAL B 182 -15.07 0.24 -17.20
CA VAL B 182 -15.54 1.58 -16.83
C VAL B 182 -14.52 2.38 -16.04
N SER B 183 -13.78 1.73 -15.16
CA SER B 183 -12.77 2.42 -14.35
C SER B 183 -11.74 3.05 -15.27
N ALA B 184 -11.24 2.26 -16.23
CA ALA B 184 -10.28 2.76 -17.19
C ALA B 184 -10.85 3.96 -17.94
N SER B 185 -12.16 3.93 -18.24
CA SER B 185 -12.78 5.00 -19.00
C SER B 185 -12.83 6.25 -18.14
N MET B 186 -13.35 6.11 -16.92
CA MET B 186 -13.48 7.23 -15.98
C MET B 186 -12.11 7.76 -15.50
N ASN B 187 -11.85 9.03 -15.81
CA ASN B 187 -10.58 9.67 -15.46
C ASN B 187 -10.27 9.98 -13.99
N THR B 188 -11.29 10.10 -13.14
CA THR B 188 -11.09 10.43 -11.70
C THR B 188 -11.73 9.44 -10.68
N ASP B 189 -11.04 9.23 -9.56
CA ASP B 189 -11.54 8.36 -8.50
C ASP B 189 -12.95 8.75 -8.09
N GLU B 190 -13.27 10.04 -8.09
CA GLU B 190 -14.56 10.48 -7.58
C GLU B 190 -15.69 10.13 -8.51
N GLU B 191 -15.42 10.21 -9.81
CA GLU B 191 -16.37 9.72 -10.79
C GLU B 191 -16.67 8.24 -10.56
N PHE B 192 -15.64 7.43 -10.33
CA PHE B 192 -15.80 6.01 -10.07
C PHE B 192 -16.48 5.80 -8.75
N VAL B 193 -16.02 6.51 -7.72
CA VAL B 193 -16.55 6.35 -6.37
C VAL B 193 -18.04 6.69 -6.35
N ALA B 194 -18.41 7.83 -6.93
CA ALA B 194 -19.81 8.29 -7.03
C ALA B 194 -20.74 7.30 -7.74
N MET B 195 -20.26 6.71 -8.84
CA MET B 195 -21.03 5.76 -9.64
C MET B 195 -21.32 4.51 -8.80
N MET B 196 -20.25 3.90 -8.29
CA MET B 196 -20.33 2.69 -7.48
C MET B 196 -21.26 2.90 -6.28
N THR B 197 -21.06 4.02 -5.57
CA THR B 197 -21.92 4.36 -4.46
C THR B 197 -23.41 4.30 -4.85
N SER B 198 -23.79 4.89 -5.99
CA SER B 198 -25.21 4.87 -6.36
C SER B 198 -25.69 3.49 -6.88
N ALA B 199 -24.89 2.82 -7.71
CA ALA B 199 -25.27 1.51 -8.22
C ALA B 199 -25.66 0.57 -7.11
N TRP B 200 -24.81 0.52 -6.08
CA TRP B 200 -24.93 -0.45 -4.99
C TRP B 200 -25.51 0.12 -3.70
N GLN B 201 -25.92 1.40 -3.75
CA GLN B 201 -26.48 2.12 -2.60
C GLN B 201 -25.67 1.81 -1.36
N LEU B 202 -24.40 2.22 -1.38
CA LEU B 202 -23.47 2.08 -0.26
C LEU B 202 -23.59 3.25 0.70
CA CA C . 23.06 7.86 15.70
CA CA D . 5.31 -3.82 17.25
CA CA E . -10.44 -17.70 11.50
CA CA F . 31.18 14.71 12.27
CA CA G . -6.32 -3.93 20.56
CA CA H . -1.60 -19.91 -18.37
CA CA I . -15.61 -17.58 -11.20
CA CA J . -20.96 -15.87 0.03
CA CA K . 8.07 -19.40 -24.47
#